data_5E9B
#
_entry.id   5E9B
#
_cell.length_a   45.990
_cell.length_b   71.060
_cell.length_c   78.290
_cell.angle_alpha   90.000
_cell.angle_beta   95.090
_cell.angle_gamma   90.000
#
_symmetry.space_group_name_H-M   'P 1 21 1'
#
loop_
_entity.id
_entity.type
_entity.pdbx_description
1 polymer Heparanase
2 polymer Heparanase
3 branched '2-deoxy-2-(sulfoamino)-alpha-D-glucopyranose-(1-4)-beta-D-glucopyranuronic acid-(1-4)-2-deoxy-6-O-sulfo-2-(sulfoamino)-alpha-D-glucopyranose-(1-4)-beta-D-glucopyranuronic acid'
4 non-polymer 2-acetamido-2-deoxy-beta-D-glucopyranose
5 non-polymer 'CHLORIDE ION'
6 water water
#
loop_
_entity_poly.entity_id
_entity_poly.type
_entity_poly.pdbx_seq_one_letter_code
_entity_poly.pdbx_strand_id
1 'polypeptide(L)'
;DPGKKFKNSTYSRSSVDVLYTFANCSGLDLIFGLNALLRTADLQWNSSNAQLLLDYCSSKGYNISWELGNEPNSFLKKAD
IFINGSQLGEDFIQLHKLLRKSTFKNAKLYGPDVGQPRRKTAKMLKSFLKAGGEVIDSVTWHHYYLNGRTATREDFLNPD
VLDIFISSVQKVFQVVESTRPGKKVWLGETSSAYGGGAPLLSDTFAAGFMWLDKLGLSARMGIEVVMRQVFFGAGNYHLV
DENFDPLPDYWLSLLFKKLVGTKVLMASVQGSKRRKLRVYLHCTNTDNPRYKEGDLTLYAINLHNVTKYLRLPYPFSNKQ
VDKYLLRPLGPHGLLSKSVQLNGLTLKMVDDQTLPPLMEKPLRPGSSLGLPAFSYSFFVIRNAKVAACI
;
A
2 'polypeptide(L)' DPGQDVVDLDFFTQEPLHLVSPSFLSVTIDANLATDPRFLILLGSPKLRTLARGLSPAYLRFGGTKTDFLIFDPKKE B
#
loop_
_chem_comp.id
_chem_comp.type
_chem_comp.name
_chem_comp.formula
BDP D-saccharide, beta linking 'beta-D-glucopyranuronic acid' 'C6 H10 O7'
CL non-polymer 'CHLORIDE ION' 'Cl -1'
GNS D-saccharide, alpha linking 2-deoxy-2-(sulfoamino)-alpha-D-glucopyranose 'C6 H13 N O8 S'
NAG D-saccharide, beta linking 2-acetamido-2-deoxy-beta-D-glucopyranose 'C8 H15 N O6'
SGN D-saccharide, alpha linking 2-deoxy-6-O-sulfo-2-(sulfoamino)-alpha-D-glucopyranose 'C6 H13 N O11 S2'
#
# COMPACT_ATOMS: atom_id res chain seq x y z
N LYS A 5 -2.54 25.68 12.27
CA LYS A 5 -2.12 25.01 11.01
C LYS A 5 -3.33 24.30 10.38
N PHE A 6 -4.22 23.69 11.19
CA PHE A 6 -5.32 22.81 10.74
C PHE A 6 -6.68 23.52 10.86
N LYS A 7 -7.14 24.14 9.76
CA LYS A 7 -8.45 24.84 9.66
C LYS A 7 -9.49 23.91 9.04
N ASN A 8 -10.75 24.07 9.46
CA ASN A 8 -11.92 23.38 8.86
C ASN A 8 -12.09 23.88 7.42
N SER A 9 -12.40 22.97 6.51
CA SER A 9 -12.58 23.24 5.06
C SER A 9 -13.84 22.49 4.62
N THR A 10 -14.52 22.96 3.58
CA THR A 10 -15.75 22.28 3.06
C THR A 10 -15.41 21.62 1.72
N TYR A 11 -16.19 20.64 1.32
CA TYR A 11 -16.11 20.02 -0.02
C TYR A 11 -17.53 19.82 -0.54
N SER A 12 -17.66 19.77 -1.86
CA SER A 12 -18.93 19.87 -2.62
C SER A 12 -19.38 18.49 -3.10
N ARG A 13 -20.62 18.37 -3.57
CA ARG A 13 -21.12 17.18 -4.29
C ARG A 13 -20.21 16.91 -5.49
N SER A 14 -19.76 17.98 -6.16
CA SER A 14 -18.85 17.98 -7.32
C SER A 14 -17.57 17.21 -6.97
N SER A 15 -16.92 17.62 -5.88
CA SER A 15 -15.68 16.99 -5.34
C SER A 15 -15.91 15.48 -5.18
N VAL A 16 -17.02 15.11 -4.53
CA VAL A 16 -17.39 13.69 -4.28
C VAL A 16 -17.45 12.99 -5.63
N ASP A 17 -18.16 13.62 -6.57
CA ASP A 17 -18.36 13.12 -7.95
C ASP A 17 -16.99 12.93 -8.63
N VAL A 18 -16.07 13.89 -8.51
CA VAL A 18 -14.71 13.81 -9.12
C VAL A 18 -14.03 12.54 -8.58
N LEU A 19 -14.01 12.41 -7.26
CA LEU A 19 -13.35 11.30 -6.53
C LEU A 19 -13.94 9.96 -6.98
N TYR A 20 -15.26 9.78 -6.88
CA TYR A 20 -15.93 8.48 -7.20
C TYR A 20 -15.69 8.08 -8.66
N THR A 21 -15.77 9.05 -9.59
CA THR A 21 -15.71 8.75 -11.05
C THR A 21 -14.26 8.39 -11.42
N PHE A 22 -13.28 9.01 -10.78
CA PHE A 22 -11.85 8.63 -10.92
C PHE A 22 -11.71 7.14 -10.56
N ALA A 23 -12.16 6.74 -9.37
CA ALA A 23 -12.09 5.36 -8.87
C ALA A 23 -12.86 4.42 -9.81
N ASN A 24 -14.14 4.73 -10.09
CA ASN A 24 -14.99 3.89 -10.96
C ASN A 24 -14.29 3.69 -12.31
N CYS A 25 -13.83 4.76 -12.98
CA CYS A 25 -13.26 4.70 -14.36
C CYS A 25 -11.92 3.95 -14.36
N SER A 26 -11.27 3.92 -13.20
CA SER A 26 -9.91 3.36 -13.00
C SER A 26 -9.99 1.91 -12.52
N GLY A 27 -11.19 1.42 -12.16
CA GLY A 27 -11.44 0.06 -11.66
C GLY A 27 -10.96 -0.13 -10.22
N LEU A 28 -11.02 0.93 -9.41
CA LEU A 28 -10.58 0.96 -7.99
C LEU A 28 -11.80 1.03 -7.06
N ASP A 29 -11.69 0.53 -5.82
CA ASP A 29 -12.80 0.47 -4.84
C ASP A 29 -12.54 1.60 -3.84
N LEU A 30 -13.39 2.63 -3.84
CA LEU A 30 -13.19 3.83 -3.02
C LEU A 30 -13.49 3.50 -1.56
N ILE A 31 -12.56 3.89 -0.70
CA ILE A 31 -12.75 3.97 0.78
C ILE A 31 -12.69 5.45 1.13
N PHE A 32 -13.72 5.98 1.80
CA PHE A 32 -13.84 7.42 2.15
C PHE A 32 -13.75 7.57 3.66
N GLY A 33 -12.77 8.34 4.14
CA GLY A 33 -12.61 8.70 5.56
C GLY A 33 -13.55 9.82 5.97
N LEU A 34 -14.40 9.55 6.96
CA LEU A 34 -15.35 10.54 7.52
C LEU A 34 -14.69 11.31 8.65
N ASN A 35 -15.18 12.53 8.89
CA ASN A 35 -14.68 13.47 9.91
C ASN A 35 -15.08 12.97 11.31
N ALA A 36 -14.11 12.59 12.13
CA ALA A 36 -14.31 12.03 13.48
C ALA A 36 -14.32 13.14 14.54
N LEU A 37 -13.96 14.37 14.19
CA LEU A 37 -13.78 15.47 15.17
C LEU A 37 -15.07 16.32 15.26
N LEU A 38 -16.11 15.93 14.55
CA LEU A 38 -17.47 16.51 14.71
C LEU A 38 -18.07 15.85 15.95
N ARG A 39 -18.12 16.63 17.04
CA ARG A 39 -18.35 16.15 18.43
C ARG A 39 -19.57 16.85 19.04
N THR A 40 -20.46 16.09 19.67
CA THR A 40 -21.61 16.62 20.45
C THR A 40 -21.11 17.22 21.77
N ALA A 41 -22.04 17.84 22.53
CA ALA A 41 -21.81 18.50 23.84
C ALA A 41 -20.89 17.68 24.74
N ASP A 42 -20.99 16.35 24.76
CA ASP A 42 -20.24 15.45 25.71
C ASP A 42 -19.25 14.54 24.95
N LEU A 43 -18.55 15.06 23.94
CA LEU A 43 -17.54 14.35 23.11
C LEU A 43 -18.08 13.00 22.59
N GLN A 44 -19.36 12.93 22.22
CA GLN A 44 -19.91 11.82 21.39
C GLN A 44 -19.73 12.22 19.93
N TRP A 45 -19.57 11.26 19.01
CA TRP A 45 -19.44 11.60 17.57
C TRP A 45 -20.78 12.18 17.13
N ASN A 46 -20.77 13.32 16.45
CA ASN A 46 -21.95 13.92 15.77
C ASN A 46 -21.98 13.42 14.33
N SER A 47 -22.91 12.52 14.03
CA SER A 47 -23.04 11.79 12.75
C SER A 47 -23.84 12.57 11.70
N SER A 48 -24.26 13.81 11.99
CA SER A 48 -25.23 14.54 11.13
C SER A 48 -24.59 14.93 9.77
N ASN A 49 -23.30 15.32 9.74
CA ASN A 49 -22.66 15.66 8.44
C ASN A 49 -22.46 14.36 7.65
N ALA A 50 -22.00 13.27 8.30
CA ALA A 50 -21.85 11.95 7.64
C ALA A 50 -23.19 11.49 7.07
N GLN A 51 -24.30 11.71 7.80
CA GLN A 51 -25.67 11.40 7.32
C GLN A 51 -25.91 12.14 5.99
N LEU A 52 -25.55 13.42 5.91
CA LEU A 52 -25.75 14.18 4.64
C LEU A 52 -24.97 13.47 3.53
N LEU A 53 -23.68 13.18 3.77
CA LEU A 53 -22.83 12.52 2.75
C LEU A 53 -23.39 11.12 2.37
N LEU A 54 -23.81 10.30 3.35
CA LEU A 54 -24.30 8.93 3.09
C LEU A 54 -25.54 8.98 2.18
N ASP A 55 -26.49 9.86 2.50
CA ASP A 55 -27.75 10.05 1.74
C ASP A 55 -27.40 10.32 0.29
N TYR A 56 -26.54 11.32 0.06
CA TYR A 56 -26.17 11.81 -1.29
C TYR A 56 -25.49 10.70 -2.12
N CYS A 57 -24.53 9.99 -1.52
CA CYS A 57 -23.79 8.86 -2.19
C CYS A 57 -24.78 7.75 -2.52
N SER A 58 -25.78 7.53 -1.65
CA SER A 58 -26.88 6.54 -1.84
C SER A 58 -27.73 6.97 -3.04
N SER A 59 -28.10 8.25 -3.07
CA SER A 59 -28.97 8.87 -4.11
C SER A 59 -28.30 8.82 -5.48
N LYS A 60 -26.97 8.59 -5.56
CA LYS A 60 -26.21 8.48 -6.83
C LYS A 60 -25.84 7.01 -7.12
N GLY A 61 -26.13 6.10 -6.20
CA GLY A 61 -25.77 4.67 -6.34
C GLY A 61 -24.27 4.46 -6.30
N TYR A 62 -23.54 5.25 -5.52
CA TYR A 62 -22.09 5.08 -5.26
C TYR A 62 -21.89 3.96 -4.23
N ASN A 63 -21.24 2.86 -4.63
CA ASN A 63 -20.80 1.75 -3.72
C ASN A 63 -19.43 2.15 -3.13
N ILE A 64 -19.47 2.60 -1.87
CA ILE A 64 -18.30 3.20 -1.17
C ILE A 64 -18.12 2.41 0.14
N SER A 65 -16.87 2.23 0.58
CA SER A 65 -16.53 1.72 1.92
C SER A 65 -16.14 2.92 2.77
N TRP A 66 -16.19 2.77 4.09
CA TRP A 66 -16.03 3.94 4.99
C TRP A 66 -14.94 3.70 6.02
N GLU A 67 -14.31 4.80 6.45
CA GLU A 67 -13.47 4.91 7.67
C GLU A 67 -14.03 6.08 8.46
N LEU A 68 -13.68 6.16 9.74
CA LEU A 68 -14.04 7.32 10.59
C LEU A 68 -12.80 7.69 11.38
N GLY A 69 -12.25 8.88 11.11
CA GLY A 69 -11.04 9.39 11.75
C GLY A 69 -9.76 8.90 11.05
N ASN A 70 -8.75 9.76 11.14
CA ASN A 70 -7.35 9.50 10.73
C ASN A 70 -6.46 9.79 11.94
N GLU A 71 -5.63 8.82 12.32
CA GLU A 71 -4.62 8.94 13.41
C GLU A 71 -5.30 9.58 14.63
N PRO A 72 -6.31 8.91 15.22
CA PRO A 72 -7.00 9.51 16.38
C PRO A 72 -6.06 9.64 17.57
N ASN A 73 -4.92 8.91 17.52
CA ASN A 73 -3.89 8.88 18.58
C ASN A 73 -3.31 10.28 18.77
N SER A 74 -3.42 11.17 17.78
CA SER A 74 -2.83 12.53 17.86
C SER A 74 -3.91 13.63 17.75
N PHE A 75 -5.15 13.34 18.11
CA PHE A 75 -6.25 14.34 18.09
C PHE A 75 -5.97 15.50 19.06
N LEU A 76 -5.42 15.21 20.23
CA LEU A 76 -5.03 16.25 21.24
C LEU A 76 -4.06 17.26 20.61
N LYS A 77 -3.00 16.75 19.99
CA LYS A 77 -1.93 17.54 19.32
C LYS A 77 -2.50 18.34 18.15
N LYS A 78 -3.49 17.78 17.43
CA LYS A 78 -4.02 18.35 16.16
C LYS A 78 -5.16 19.31 16.43
N ALA A 79 -5.99 19.08 17.45
CA ALA A 79 -7.25 19.82 17.66
C ALA A 79 -7.55 20.04 19.13
N ASP A 80 -6.59 19.74 20.04
CA ASP A 80 -6.71 19.91 21.52
C ASP A 80 -7.92 19.15 22.05
N ILE A 81 -8.34 18.09 21.35
CA ILE A 81 -9.45 17.19 21.76
C ILE A 81 -8.85 15.81 21.96
N PHE A 82 -9.08 15.19 23.12
CA PHE A 82 -8.71 13.78 23.38
C PHE A 82 -9.97 12.92 23.34
N ILE A 83 -9.95 11.93 22.45
CA ILE A 83 -10.97 10.86 22.31
C ILE A 83 -10.28 9.52 22.62
N ASN A 84 -10.68 8.86 23.71
CA ASN A 84 -10.11 7.55 24.12
C ASN A 84 -10.65 6.47 23.17
N GLY A 85 -10.00 5.31 23.16
CA GLY A 85 -10.33 4.24 22.19
C GLY A 85 -11.71 3.64 22.44
N SER A 86 -12.16 3.59 23.70
CA SER A 86 -13.54 3.16 24.06
C SER A 86 -14.58 4.06 23.36
N GLN A 87 -14.46 5.38 23.52
CA GLN A 87 -15.41 6.35 22.89
C GLN A 87 -15.36 6.17 21.36
N LEU A 88 -14.14 6.06 20.83
CA LEU A 88 -13.94 5.86 19.37
C LEU A 88 -14.65 4.58 18.92
N GLY A 89 -14.52 3.49 19.69
CA GLY A 89 -15.27 2.24 19.46
C GLY A 89 -16.78 2.46 19.39
N GLU A 90 -17.36 3.21 20.33
CA GLU A 90 -18.80 3.58 20.35
C GLU A 90 -19.16 4.41 19.10
N ASP A 91 -18.31 5.36 18.74
CA ASP A 91 -18.46 6.15 17.48
C ASP A 91 -18.55 5.22 16.27
N PHE A 92 -17.72 4.18 16.17
CA PHE A 92 -17.78 3.24 15.01
C PHE A 92 -19.10 2.44 15.06
N ILE A 93 -19.55 2.06 16.25
CA ILE A 93 -20.84 1.32 16.41
C ILE A 93 -21.96 2.20 15.83
N GLN A 94 -21.95 3.52 16.13
CA GLN A 94 -22.98 4.48 15.64
C GLN A 94 -22.91 4.61 14.10
N LEU A 95 -21.71 4.75 13.53
CA LEU A 95 -21.54 4.78 12.05
C LEU A 95 -22.08 3.47 11.44
N HIS A 96 -21.82 2.32 12.06
CA HIS A 96 -22.27 0.98 11.57
C HIS A 96 -23.81 0.93 11.52
N LYS A 97 -24.50 1.49 12.52
CA LYS A 97 -25.99 1.54 12.54
C LYS A 97 -26.47 2.34 11.31
N LEU A 98 -25.87 3.50 11.03
CA LEU A 98 -26.20 4.36 9.86
C LEU A 98 -25.98 3.63 8.54
N LEU A 99 -24.92 2.82 8.41
CA LEU A 99 -24.64 2.05 7.16
C LEU A 99 -25.72 0.97 6.96
N ARG A 100 -26.10 0.27 8.04
CA ARG A 100 -27.11 -0.82 8.02
C ARG A 100 -28.46 -0.23 7.53
N LYS A 101 -28.81 0.99 7.96
CA LYS A 101 -30.06 1.73 7.59
C LYS A 101 -29.93 2.45 6.24
N SER A 102 -28.78 2.35 5.57
CA SER A 102 -28.50 3.00 4.27
C SER A 102 -28.92 2.07 3.13
N THR A 103 -28.88 2.57 1.90
CA THR A 103 -29.18 1.82 0.65
C THR A 103 -28.13 0.73 0.42
N PHE A 104 -26.91 0.87 0.98
CA PHE A 104 -25.81 -0.13 0.93
C PHE A 104 -25.56 -0.65 2.36
N LYS A 105 -26.35 -1.65 2.77
CA LYS A 105 -26.45 -2.12 4.17
C LYS A 105 -25.33 -3.12 4.45
N ASN A 106 -24.64 -3.59 3.41
CA ASN A 106 -23.49 -4.53 3.55
C ASN A 106 -22.17 -3.74 3.41
N ALA A 107 -22.23 -2.42 3.16
CA ALA A 107 -21.03 -1.56 2.98
C ALA A 107 -20.03 -1.90 4.09
N LYS A 108 -18.74 -1.99 3.74
CA LYS A 108 -17.64 -2.31 4.68
C LYS A 108 -17.22 -1.05 5.44
N LEU A 109 -16.70 -1.27 6.64
CA LEU A 109 -16.22 -0.24 7.58
C LEU A 109 -14.85 -0.68 8.09
N TYR A 110 -13.86 0.19 7.99
CA TYR A 110 -12.46 -0.09 8.43
C TYR A 110 -12.02 0.99 9.39
N GLY A 111 -11.16 0.63 10.35
CA GLY A 111 -10.62 1.55 11.34
C GLY A 111 -9.68 0.81 12.28
N PRO A 112 -9.08 1.53 13.25
CA PRO A 112 -9.29 2.97 13.44
C PRO A 112 -8.25 3.93 12.83
N ASP A 113 -7.39 3.42 11.94
CA ASP A 113 -6.39 4.23 11.20
C ASP A 113 -5.43 4.90 12.21
N VAL A 114 -5.02 4.17 13.25
CA VAL A 114 -3.97 4.63 14.21
C VAL A 114 -2.57 4.64 13.56
N GLY A 115 -1.70 5.44 14.14
CA GLY A 115 -0.26 5.45 13.84
C GLY A 115 0.40 4.15 14.26
N GLN A 116 1.68 4.06 14.04
CA GLN A 116 2.48 2.87 14.38
C GLN A 116 2.44 2.68 15.91
N PRO A 117 2.51 1.41 16.36
CA PRO A 117 2.08 1.08 17.71
C PRO A 117 3.08 1.37 18.84
N ARG A 118 3.44 2.63 19.01
CA ARG A 118 3.88 3.22 20.31
C ARG A 118 2.94 2.78 21.46
N ARG A 119 3.41 2.87 22.70
CA ARG A 119 2.65 2.45 23.90
C ARG A 119 1.27 3.13 23.95
N LYS A 120 1.20 4.45 23.81
CA LYS A 120 -0.10 5.17 23.95
C LYS A 120 -1.00 4.82 22.76
N THR A 121 -0.42 4.64 21.56
CA THR A 121 -1.18 4.19 20.37
C THR A 121 -1.67 2.75 20.56
N ALA A 122 -0.83 1.84 21.10
CA ALA A 122 -1.22 0.42 21.35
C ALA A 122 -2.38 0.34 22.35
N LYS A 123 -2.35 1.17 23.38
CA LYS A 123 -3.43 1.27 24.42
C LYS A 123 -4.75 1.69 23.75
N MET A 124 -4.72 2.76 22.96
CA MET A 124 -5.90 3.24 22.19
C MET A 124 -6.41 2.18 21.21
N LEU A 125 -5.52 1.49 20.46
CA LEU A 125 -5.99 0.42 19.54
C LEU A 125 -6.65 -0.73 20.33
N LYS A 126 -6.09 -1.14 21.47
CA LYS A 126 -6.65 -2.22 22.32
C LYS A 126 -8.06 -1.81 22.81
N SER A 127 -8.21 -0.61 23.38
CA SER A 127 -9.50 -0.17 23.96
C SER A 127 -10.51 0.02 22.82
N PHE A 128 -10.06 0.50 21.66
CA PHE A 128 -10.89 0.60 20.45
C PHE A 128 -11.41 -0.79 20.04
N LEU A 129 -10.52 -1.79 19.91
CA LEU A 129 -10.97 -3.11 19.39
C LEU A 129 -11.88 -3.79 20.44
N LYS A 130 -11.62 -3.62 21.74
CA LYS A 130 -12.53 -4.14 22.81
C LYS A 130 -13.94 -3.59 22.60
N ALA A 131 -14.08 -2.27 22.40
CA ALA A 131 -15.38 -1.54 22.40
C ALA A 131 -16.07 -1.65 21.02
N GLY A 132 -15.35 -1.40 19.93
CA GLY A 132 -15.93 -1.26 18.57
C GLY A 132 -15.46 -2.32 17.58
N GLY A 133 -14.66 -3.30 17.99
CA GLY A 133 -14.00 -4.25 17.06
C GLY A 133 -14.99 -5.13 16.32
N GLU A 134 -16.20 -5.28 16.84
CA GLU A 134 -17.23 -6.20 16.29
C GLU A 134 -17.73 -5.68 14.94
N VAL A 135 -17.72 -4.36 14.73
CA VAL A 135 -18.36 -3.75 13.53
C VAL A 135 -17.36 -3.43 12.41
N ILE A 136 -16.04 -3.55 12.64
CA ILE A 136 -15.05 -3.28 11.56
C ILE A 136 -14.73 -4.58 10.82
N ASP A 137 -14.52 -4.47 9.52
CA ASP A 137 -14.23 -5.61 8.62
C ASP A 137 -12.71 -5.85 8.58
N SER A 138 -11.93 -4.82 8.85
CA SER A 138 -10.45 -4.88 8.94
C SER A 138 -9.93 -3.77 9.85
N VAL A 139 -8.85 -4.09 10.55
CA VAL A 139 -8.11 -3.17 11.44
C VAL A 139 -7.12 -2.43 10.54
N THR A 140 -7.14 -1.10 10.55
CA THR A 140 -6.19 -0.27 9.76
C THR A 140 -5.21 0.43 10.70
N TRP A 141 -3.94 0.43 10.31
CA TRP A 141 -2.91 1.21 11.03
C TRP A 141 -1.95 1.77 9.98
N HIS A 142 -1.12 2.69 10.39
CA HIS A 142 -0.26 3.50 9.48
C HIS A 142 1.19 3.28 9.84
N HIS A 143 2.06 3.35 8.85
CA HIS A 143 3.52 3.21 9.06
C HIS A 143 4.31 4.09 8.08
N TYR A 144 5.25 4.84 8.63
CA TYR A 144 6.32 5.56 7.90
C TYR A 144 7.64 5.19 8.59
N TYR A 145 8.72 4.98 7.83
CA TYR A 145 10.02 4.63 8.44
C TYR A 145 10.65 5.86 9.09
N LEU A 146 10.57 7.01 8.40
CA LEU A 146 11.43 8.22 8.66
C LEU A 146 10.61 9.50 8.56
N ASN A 147 11.14 10.55 9.17
CA ASN A 147 10.82 11.96 8.93
C ASN A 147 11.46 12.40 7.61
N GLY A 148 10.62 12.77 6.63
CA GLY A 148 11.07 13.25 5.30
C GLY A 148 12.05 14.40 5.42
N ARG A 149 11.92 15.23 6.45
CA ARG A 149 12.78 16.41 6.61
C ARG A 149 14.24 16.00 6.85
N THR A 150 14.49 14.90 7.58
CA THR A 150 15.86 14.53 8.04
C THR A 150 16.35 13.26 7.33
N ALA A 151 15.51 12.59 6.57
CA ALA A 151 15.89 11.26 6.06
C ALA A 151 17.08 11.43 5.13
N THR A 152 18.06 10.54 5.19
CA THR A 152 19.26 10.53 4.33
C THR A 152 19.17 9.43 3.29
N ARG A 153 19.99 9.55 2.27
CA ARG A 153 20.20 8.51 1.24
C ARG A 153 20.52 7.18 1.93
N GLU A 154 21.42 7.20 2.93
CA GLU A 154 21.93 5.97 3.59
C GLU A 154 20.78 5.27 4.30
N ASP A 155 19.83 6.02 4.86
CA ASP A 155 18.65 5.48 5.58
C ASP A 155 17.85 4.60 4.62
N PHE A 156 17.58 5.12 3.41
CA PHE A 156 16.79 4.44 2.35
C PHE A 156 17.49 3.14 1.94
N LEU A 157 18.79 2.97 2.17
CA LEU A 157 19.54 1.75 1.78
C LEU A 157 19.89 0.87 2.97
N ASN A 158 19.40 1.21 4.16
CA ASN A 158 19.91 0.62 5.43
C ASN A 158 19.01 -0.51 5.93
N PRO A 159 19.47 -1.79 5.91
CA PRO A 159 18.70 -2.91 6.44
C PRO A 159 18.24 -2.66 7.88
N ASP A 160 19.02 -1.94 8.67
CA ASP A 160 18.65 -1.66 10.08
C ASP A 160 17.39 -0.80 10.10
N VAL A 161 17.20 0.06 9.11
CA VAL A 161 15.98 0.91 9.00
C VAL A 161 14.86 0.04 8.46
N LEU A 162 15.11 -0.77 7.44
CA LEU A 162 14.09 -1.68 6.86
C LEU A 162 13.51 -2.57 7.98
N ASP A 163 14.37 -3.13 8.84
CA ASP A 163 13.98 -4.14 9.85
C ASP A 163 13.07 -3.54 10.96
N ILE A 164 13.03 -2.23 11.16
CA ILE A 164 12.15 -1.65 12.23
C ILE A 164 10.69 -1.99 11.91
N PHE A 165 10.34 -2.08 10.64
CA PHE A 165 8.95 -2.37 10.21
C PHE A 165 8.49 -3.68 10.87
N ILE A 166 9.37 -4.67 10.96
CA ILE A 166 9.06 -6.03 11.50
C ILE A 166 8.47 -5.89 12.90
N SER A 167 9.11 -5.17 13.82
CA SER A 167 8.59 -5.09 15.21
C SER A 167 7.28 -4.28 15.26
N SER A 168 7.07 -3.28 14.40
CA SER A 168 5.78 -2.55 14.35
C SER A 168 4.69 -3.57 13.99
N VAL A 169 4.92 -4.42 12.99
CA VAL A 169 3.91 -5.44 12.55
C VAL A 169 3.64 -6.38 13.75
N GLN A 170 4.69 -6.83 14.47
CA GLN A 170 4.57 -7.79 15.62
C GLN A 170 3.71 -7.15 16.71
N LYS A 171 3.91 -5.88 17.05
CA LYS A 171 3.12 -5.21 18.11
C LYS A 171 1.66 -5.08 17.67
N VAL A 172 1.38 -4.76 16.41
CA VAL A 172 -0.03 -4.67 15.95
C VAL A 172 -0.74 -6.02 16.15
N PHE A 173 -0.15 -7.13 15.68
CA PHE A 173 -0.75 -8.49 15.79
C PHE A 173 -0.86 -8.90 17.26
N GLN A 174 0.06 -8.48 18.14
CA GLN A 174 -0.08 -8.73 19.60
C GLN A 174 -1.32 -8.04 20.15
N VAL A 175 -1.67 -6.82 19.72
CA VAL A 175 -2.90 -6.13 20.23
C VAL A 175 -4.14 -6.82 19.64
N VAL A 176 -4.17 -7.03 18.34
CA VAL A 176 -5.32 -7.68 17.65
C VAL A 176 -5.55 -9.08 18.25
N GLU A 177 -4.52 -9.92 18.43
CA GLU A 177 -4.71 -11.34 18.86
C GLU A 177 -5.21 -11.39 20.31
N SER A 178 -5.00 -10.34 21.10
CA SER A 178 -5.42 -10.27 22.51
C SER A 178 -6.84 -9.72 22.62
N THR A 179 -7.50 -9.28 21.52
CA THR A 179 -8.83 -8.61 21.58
C THR A 179 -9.81 -9.11 20.51
N ARG A 180 -9.40 -9.25 19.24
CA ARG A 180 -10.24 -9.73 18.11
C ARG A 180 -9.47 -10.76 17.29
N PRO A 181 -9.17 -11.93 17.88
CA PRO A 181 -8.39 -12.95 17.20
C PRO A 181 -8.91 -13.18 15.78
N GLY A 182 -8.04 -13.18 14.77
CA GLY A 182 -8.43 -13.56 13.40
C GLY A 182 -8.97 -12.40 12.57
N LYS A 183 -9.20 -11.23 13.18
CA LYS A 183 -9.63 -10.03 12.43
C LYS A 183 -8.50 -9.67 11.45
N LYS A 184 -8.85 -9.36 10.20
CA LYS A 184 -7.88 -9.01 9.13
C LYS A 184 -7.16 -7.71 9.50
N VAL A 185 -5.88 -7.64 9.19
CA VAL A 185 -5.06 -6.43 9.51
C VAL A 185 -4.58 -5.83 8.20
N TRP A 186 -4.83 -4.53 8.04
CA TRP A 186 -4.49 -3.72 6.84
C TRP A 186 -3.54 -2.59 7.24
N LEU A 187 -2.55 -2.29 6.41
CA LEU A 187 -1.84 -0.99 6.40
C LEU A 187 -2.66 0.00 5.59
N GLY A 188 -3.37 0.89 6.30
CA GLY A 188 -4.35 1.82 5.74
C GLY A 188 -3.71 3.05 5.10
N GLU A 189 -2.45 3.34 5.43
CA GLU A 189 -1.66 4.48 4.89
C GLU A 189 -0.18 4.23 5.21
N THR A 190 0.68 4.12 4.23
CA THR A 190 2.10 3.80 4.51
C THR A 190 2.99 4.36 3.40
N SER A 191 4.21 4.72 3.76
CA SER A 191 5.25 5.10 2.77
C SER A 191 6.63 5.12 3.42
N SER A 192 7.63 5.61 2.68
CA SER A 192 9.04 5.77 3.07
C SER A 192 9.12 6.74 4.26
N ALA A 193 8.63 7.96 4.08
CA ALA A 193 8.89 9.06 5.05
C ALA A 193 7.72 10.02 5.11
N TYR A 194 7.40 10.57 6.29
CA TYR A 194 6.28 11.53 6.47
C TYR A 194 6.81 12.96 6.24
N GLY A 195 6.02 14.00 6.50
CA GLY A 195 6.28 15.37 5.99
C GLY A 195 6.24 15.43 4.47
N GLY A 196 5.42 14.63 3.83
CA GLY A 196 5.29 14.65 2.36
C GLY A 196 6.41 13.88 1.66
N GLY A 197 7.26 13.17 2.39
CA GLY A 197 8.34 12.39 1.73
C GLY A 197 9.67 13.08 1.86
N ALA A 198 10.75 12.36 1.60
CA ALA A 198 12.12 12.91 1.63
C ALA A 198 12.43 13.47 0.24
N PRO A 199 12.75 14.78 0.15
CA PRO A 199 13.13 15.38 -1.13
C PRO A 199 14.25 14.60 -1.83
N LEU A 200 14.05 14.36 -3.13
CA LEU A 200 15.02 13.73 -4.07
C LEU A 200 15.30 12.30 -3.66
N LEU A 201 14.52 11.75 -2.70
CA LEU A 201 14.67 10.33 -2.23
C LEU A 201 13.37 9.55 -2.45
N SER A 202 12.24 10.08 -1.97
CA SER A 202 10.97 9.36 -1.87
C SER A 202 10.37 9.17 -3.27
N ASP A 203 10.81 9.97 -4.24
CA ASP A 203 10.31 9.94 -5.63
C ASP A 203 11.36 9.34 -6.56
N THR A 204 12.29 8.54 -6.06
CA THR A 204 13.42 8.02 -6.89
C THR A 204 13.49 6.49 -6.88
N PHE A 205 14.41 5.95 -7.66
CA PHE A 205 14.72 4.51 -7.72
C PHE A 205 15.06 4.03 -6.31
N ALA A 206 15.70 4.88 -5.48
CA ALA A 206 16.11 4.52 -4.11
C ALA A 206 14.89 4.20 -3.20
N ALA A 207 13.72 4.80 -3.46
CA ALA A 207 12.46 4.61 -2.70
C ALA A 207 11.98 3.15 -2.82
N GLY A 208 12.47 2.45 -3.83
CA GLY A 208 12.03 1.12 -4.22
C GLY A 208 12.41 0.08 -3.19
N PHE A 209 13.57 0.21 -2.55
CA PHE A 209 14.05 -0.74 -1.50
C PHE A 209 13.01 -0.78 -0.38
N MET A 210 12.63 0.39 0.15
CA MET A 210 11.64 0.45 1.24
C MET A 210 10.30 -0.08 0.76
N TRP A 211 9.90 0.23 -0.48
CA TRP A 211 8.54 -0.12 -0.95
C TRP A 211 8.45 -1.62 -1.21
N LEU A 212 9.41 -2.22 -1.91
CA LEU A 212 9.33 -3.67 -2.18
C LEU A 212 9.53 -4.46 -0.89
N ASP A 213 10.45 -4.05 -0.01
CA ASP A 213 10.64 -4.77 1.26
C ASP A 213 9.35 -4.75 2.09
N LYS A 214 8.71 -3.58 2.19
CA LYS A 214 7.48 -3.43 3.00
C LYS A 214 6.42 -4.38 2.45
N LEU A 215 6.22 -4.41 1.12
CA LEU A 215 5.29 -5.36 0.48
C LEU A 215 5.68 -6.82 0.82
N GLY A 216 6.95 -7.19 0.70
CA GLY A 216 7.40 -8.55 1.01
C GLY A 216 7.17 -8.93 2.48
N LEU A 217 7.51 -8.06 3.42
CA LEU A 217 7.32 -8.36 4.85
C LEU A 217 5.81 -8.37 5.20
N SER A 218 5.05 -7.44 4.63
CA SER A 218 3.59 -7.34 4.92
C SER A 218 2.93 -8.68 4.52
N ALA A 219 3.20 -9.12 3.30
CA ALA A 219 2.60 -10.37 2.78
C ALA A 219 3.10 -11.53 3.66
N ARG A 220 4.39 -11.56 3.99
CA ARG A 220 5.00 -12.69 4.75
C ARG A 220 4.42 -12.78 6.18
N MET A 221 4.11 -11.64 6.78
CA MET A 221 3.74 -11.54 8.21
C MET A 221 2.22 -11.55 8.42
N GLY A 222 1.38 -11.53 7.39
CA GLY A 222 -0.09 -11.70 7.58
C GLY A 222 -0.90 -10.44 7.36
N ILE A 223 -0.28 -9.35 6.91
CA ILE A 223 -1.01 -8.12 6.52
C ILE A 223 -1.72 -8.44 5.20
N GLU A 224 -3.01 -8.12 5.09
CA GLU A 224 -3.83 -8.58 3.92
C GLU A 224 -3.83 -7.55 2.78
N VAL A 225 -3.77 -6.27 3.15
CA VAL A 225 -3.84 -5.11 2.24
C VAL A 225 -2.85 -4.06 2.71
N VAL A 226 -2.10 -3.48 1.77
CA VAL A 226 -1.14 -2.37 1.99
C VAL A 226 -1.59 -1.18 1.14
N MET A 227 -1.88 -0.04 1.76
CA MET A 227 -2.30 1.20 1.03
C MET A 227 -1.15 2.22 0.95
N ARG A 228 -0.61 2.39 -0.26
CA ARG A 228 0.52 3.29 -0.59
C ARG A 228 0.05 4.75 -0.54
N GLN A 229 0.68 5.51 0.36
CA GLN A 229 0.63 6.99 0.36
C GLN A 229 1.74 7.48 -0.57
N VAL A 230 1.46 8.11 -1.72
CA VAL A 230 0.16 8.41 -2.32
C VAL A 230 0.25 8.03 -3.80
N PHE A 231 -0.88 7.76 -4.44
CA PHE A 231 -0.94 7.52 -5.90
C PHE A 231 -0.51 8.79 -6.63
N PHE A 232 -1.03 9.92 -6.18
CA PHE A 232 -0.93 11.26 -6.82
C PHE A 232 -1.17 12.33 -5.75
N GLY A 233 -0.36 13.39 -5.74
CA GLY A 233 -0.44 14.51 -4.79
C GLY A 233 0.85 15.30 -4.67
N ALA A 234 0.87 16.25 -3.73
CA ALA A 234 1.96 17.22 -3.47
C ALA A 234 3.24 16.50 -3.03
N GLY A 235 3.10 15.48 -2.19
CA GLY A 235 4.24 14.81 -1.52
C GLY A 235 5.13 14.06 -2.50
N ASN A 236 6.42 14.07 -2.23
CA ASN A 236 7.54 13.40 -2.92
C ASN A 236 7.31 11.89 -2.99
N TYR A 237 6.46 11.31 -2.12
CA TYR A 237 6.17 9.84 -2.01
C TYR A 237 5.08 9.44 -3.01
N HIS A 238 4.64 10.35 -3.88
CA HIS A 238 3.67 10.06 -4.96
C HIS A 238 4.25 8.98 -5.91
N LEU A 239 3.39 8.08 -6.39
CA LEU A 239 3.76 7.14 -7.50
C LEU A 239 3.78 7.90 -8.83
N VAL A 240 3.02 9.01 -8.94
CA VAL A 240 2.86 9.85 -10.17
C VAL A 240 2.96 11.33 -9.80
N ASP A 241 3.80 12.10 -10.48
CA ASP A 241 4.05 13.54 -10.19
C ASP A 241 2.91 14.39 -10.77
N GLU A 242 2.94 15.70 -10.51
CA GLU A 242 1.82 16.62 -10.81
C GLU A 242 1.77 16.88 -12.33
N ASN A 243 2.84 16.52 -13.05
CA ASN A 243 2.92 16.52 -14.53
C ASN A 243 2.39 15.19 -15.08
N PHE A 244 1.75 14.36 -14.25
CA PHE A 244 1.17 13.03 -14.55
C PHE A 244 2.23 12.07 -15.12
N ASP A 245 3.50 12.22 -14.73
CA ASP A 245 4.59 11.27 -15.08
C ASP A 245 4.76 10.21 -13.96
N PRO A 246 4.76 8.90 -14.30
CA PRO A 246 5.08 7.85 -13.34
C PRO A 246 6.55 7.82 -12.88
N LEU A 247 6.72 7.71 -11.55
CA LEU A 247 8.04 7.58 -10.90
C LEU A 247 8.42 6.11 -10.78
N PRO A 248 9.70 5.79 -10.47
CA PRO A 248 10.12 4.38 -10.40
C PRO A 248 9.20 3.47 -9.57
N ASP A 249 8.61 4.00 -8.49
CA ASP A 249 7.75 3.17 -7.59
C ASP A 249 6.43 2.83 -8.30
N TYR A 250 5.96 3.66 -9.25
CA TYR A 250 4.78 3.27 -10.05
C TYR A 250 5.12 1.98 -10.82
N TRP A 251 6.21 2.01 -11.57
CA TRP A 251 6.64 0.86 -12.41
C TRP A 251 6.87 -0.38 -11.54
N LEU A 252 7.52 -0.20 -10.40
CA LEU A 252 7.73 -1.31 -9.44
C LEU A 252 6.38 -1.90 -9.02
N SER A 253 5.43 -1.04 -8.62
CA SER A 253 4.06 -1.41 -8.25
C SER A 253 3.37 -2.17 -9.38
N LEU A 254 3.52 -1.72 -10.62
CA LEU A 254 2.83 -2.35 -11.77
C LEU A 254 3.43 -3.74 -12.00
N LEU A 255 4.76 -3.86 -11.94
CA LEU A 255 5.37 -5.22 -12.10
C LEU A 255 4.87 -6.14 -10.98
N PHE A 256 4.78 -5.64 -9.74
CA PHE A 256 4.36 -6.45 -8.56
C PHE A 256 2.92 -6.91 -8.83
N LYS A 257 2.07 -6.00 -9.32
CA LYS A 257 0.64 -6.28 -9.59
C LYS A 257 0.54 -7.42 -10.63
N LYS A 258 1.35 -7.38 -11.67
CA LYS A 258 1.27 -8.34 -12.81
C LYS A 258 1.90 -9.69 -12.44
N LEU A 259 2.93 -9.75 -11.58
CA LEU A 259 3.74 -10.98 -11.37
C LEU A 259 3.44 -11.71 -10.05
N VAL A 260 3.01 -10.98 -9.02
CA VAL A 260 2.97 -11.53 -7.64
C VAL A 260 1.54 -11.97 -7.29
N GLY A 261 1.38 -13.26 -6.96
CA GLY A 261 0.09 -13.90 -6.62
C GLY A 261 -0.36 -13.67 -5.18
N THR A 262 -1.55 -14.18 -4.83
CA THR A 262 -2.19 -13.99 -3.49
C THR A 262 -1.63 -14.97 -2.47
N LYS A 263 -1.08 -16.09 -2.92
CA LYS A 263 -0.60 -17.16 -2.04
C LYS A 263 0.86 -16.84 -1.70
N VAL A 264 1.13 -16.60 -0.43
CA VAL A 264 2.45 -16.20 0.10
C VAL A 264 3.19 -17.46 0.54
N LEU A 265 4.41 -17.64 0.05
CA LEU A 265 5.31 -18.72 0.47
C LEU A 265 6.49 -18.08 1.22
N MET A 266 7.66 -18.71 1.20
CA MET A 266 8.84 -18.23 1.95
C MET A 266 10.11 -18.60 1.20
N ALA A 267 11.05 -17.66 1.18
CA ALA A 267 12.42 -17.90 0.72
C ALA A 267 13.35 -17.35 1.78
N SER A 268 14.53 -17.95 1.90
CA SER A 268 15.54 -17.48 2.86
C SER A 268 16.89 -17.85 2.29
N VAL A 269 17.95 -17.23 2.78
CA VAL A 269 19.32 -17.46 2.27
C VAL A 269 20.09 -18.26 3.31
N GLN A 270 20.68 -19.40 2.87
CA GLN A 270 21.57 -20.29 3.67
C GLN A 270 22.73 -19.44 4.22
N GLY A 271 23.25 -19.77 5.41
CA GLY A 271 24.21 -18.89 6.13
C GLY A 271 23.45 -17.81 6.89
N SER A 272 22.15 -17.70 6.60
CA SER A 272 21.09 -17.06 7.41
C SER A 272 21.39 -15.58 7.67
N LYS A 273 22.28 -14.96 6.90
CA LYS A 273 22.62 -13.52 7.02
C LYS A 273 21.57 -12.72 6.21
N ARG A 274 20.30 -12.81 6.64
CA ARG A 274 19.17 -12.02 6.09
C ARG A 274 19.31 -10.57 6.56
N ARG A 275 20.26 -9.85 5.97
CA ARG A 275 20.35 -8.39 6.18
C ARG A 275 20.21 -7.72 4.80
N LYS A 276 21.17 -7.92 3.90
CA LYS A 276 21.31 -7.03 2.71
C LYS A 276 20.81 -7.78 1.49
N LEU A 277 20.63 -9.09 1.57
CA LEU A 277 19.99 -9.86 0.49
C LEU A 277 18.62 -10.32 0.99
N ARG A 278 17.55 -9.67 0.53
CA ARG A 278 16.18 -9.84 1.07
C ARG A 278 15.32 -10.51 0.01
N VAL A 279 14.70 -11.64 0.34
CA VAL A 279 14.00 -12.50 -0.65
C VAL A 279 12.63 -12.87 -0.13
N TYR A 280 11.67 -12.89 -1.07
CA TYR A 280 10.23 -13.13 -0.85
C TYR A 280 9.77 -14.01 -1.99
N LEU A 281 8.81 -14.87 -1.70
CA LEU A 281 8.33 -15.89 -2.66
C LEU A 281 6.82 -16.01 -2.54
N HIS A 282 6.14 -15.86 -3.67
CA HIS A 282 4.69 -16.09 -3.78
C HIS A 282 4.46 -17.03 -4.95
N CYS A 283 3.25 -17.55 -5.05
CA CYS A 283 2.74 -18.15 -6.31
C CYS A 283 2.65 -17.02 -7.34
N THR A 284 2.94 -17.31 -8.62
CA THR A 284 2.75 -16.34 -9.72
C THR A 284 1.28 -15.92 -9.80
N ASN A 285 1.02 -14.67 -10.14
CA ASN A 285 -0.35 -14.13 -10.39
C ASN A 285 -0.97 -14.93 -11.55
N THR A 286 -2.11 -15.57 -11.37
CA THR A 286 -2.74 -16.38 -12.46
C THR A 286 -3.46 -15.49 -13.49
N ASP A 287 -3.75 -14.23 -13.17
CA ASP A 287 -4.25 -13.25 -14.18
C ASP A 287 -3.16 -12.97 -15.22
N ASN A 288 -1.92 -13.36 -14.98
CA ASN A 288 -0.84 -13.11 -15.96
C ASN A 288 -1.00 -14.14 -17.06
N PRO A 289 -1.28 -13.69 -18.30
CA PRO A 289 -1.56 -14.60 -19.41
C PRO A 289 -0.34 -15.46 -19.77
N ARG A 290 0.86 -14.94 -19.52
CA ARG A 290 2.13 -15.55 -19.97
C ARG A 290 2.42 -16.83 -19.17
N TYR A 291 1.91 -16.92 -17.95
CA TYR A 291 2.32 -17.95 -16.94
C TYR A 291 1.12 -18.84 -16.64
N LYS A 292 1.31 -19.88 -15.85
CA LYS A 292 0.30 -20.94 -15.63
C LYS A 292 0.31 -21.38 -14.17
N GLU A 293 -0.74 -22.09 -13.76
CA GLU A 293 -0.92 -22.61 -12.38
C GLU A 293 0.31 -23.43 -12.01
N GLY A 294 0.85 -23.19 -10.81
CA GLY A 294 2.06 -23.91 -10.33
C GLY A 294 3.32 -23.08 -10.44
N ASP A 295 3.29 -21.97 -11.19
CA ASP A 295 4.48 -21.08 -11.36
C ASP A 295 4.73 -20.28 -10.08
N LEU A 296 6.02 -20.00 -9.78
CA LEU A 296 6.49 -19.22 -8.61
C LEU A 296 7.02 -17.86 -9.06
N THR A 297 6.74 -16.80 -8.29
CA THR A 297 7.38 -15.47 -8.40
C THR A 297 8.27 -15.25 -7.16
N LEU A 298 9.58 -15.29 -7.36
CA LEU A 298 10.61 -14.82 -6.41
C LEU A 298 10.82 -13.32 -6.61
N TYR A 299 10.95 -12.54 -5.54
CA TYR A 299 11.49 -11.17 -5.66
C TYR A 299 12.60 -10.99 -4.63
N ALA A 300 13.59 -10.22 -5.02
CA ALA A 300 14.87 -10.09 -4.31
C ALA A 300 15.34 -8.64 -4.34
N ILE A 301 15.88 -8.21 -3.22
CA ILE A 301 16.51 -6.90 -3.02
C ILE A 301 17.97 -7.17 -2.70
N ASN A 302 18.87 -6.43 -3.32
CA ASN A 302 20.31 -6.55 -3.03
C ASN A 302 20.80 -5.19 -2.58
N LEU A 303 21.08 -5.08 -1.29
CA LEU A 303 21.59 -3.82 -0.70
C LEU A 303 23.10 -3.94 -0.48
N HIS A 304 23.73 -4.98 -1.03
CA HIS A 304 25.21 -5.06 -1.08
C HIS A 304 25.71 -4.09 -2.15
N ASN A 305 27.00 -3.74 -2.09
CA ASN A 305 27.62 -2.85 -3.10
C ASN A 305 28.26 -3.74 -4.17
N VAL A 306 27.96 -5.04 -4.22
CA VAL A 306 28.45 -5.92 -5.32
C VAL A 306 27.29 -6.80 -5.82
N THR A 307 27.40 -7.30 -7.05
CA THR A 307 26.47 -8.27 -7.64
C THR A 307 26.44 -9.50 -6.71
N LYS A 308 25.26 -10.05 -6.43
CA LYS A 308 25.09 -11.38 -5.78
C LYS A 308 24.47 -12.31 -6.82
N TYR A 309 24.84 -13.59 -6.79
CA TYR A 309 24.35 -14.67 -7.71
C TYR A 309 23.55 -15.65 -6.86
N LEU A 310 22.24 -15.77 -7.14
CA LEU A 310 21.29 -16.58 -6.34
C LEU A 310 21.16 -17.94 -7.03
N ARG A 311 21.31 -19.03 -6.28
CA ARG A 311 21.06 -20.40 -6.83
C ARG A 311 19.74 -20.95 -6.26
N LEU A 312 18.86 -21.36 -7.16
CA LEU A 312 17.54 -21.92 -6.85
C LEU A 312 17.75 -23.33 -6.31
N PRO A 313 16.95 -23.71 -5.29
CA PRO A 313 17.04 -25.05 -4.72
C PRO A 313 16.36 -26.07 -5.63
N TYR A 314 16.72 -27.35 -5.49
CA TYR A 314 15.96 -28.50 -6.05
C TYR A 314 14.53 -28.44 -5.51
N PRO A 315 13.47 -28.75 -6.29
CA PRO A 315 13.57 -29.21 -7.68
C PRO A 315 13.44 -28.12 -8.75
N PHE A 316 13.87 -26.87 -8.48
CA PHE A 316 13.62 -25.70 -9.36
C PHE A 316 14.90 -25.30 -10.10
N SER A 317 16.02 -25.99 -9.86
CA SER A 317 17.39 -25.61 -10.32
C SER A 317 17.44 -25.37 -11.83
N ASN A 318 16.77 -26.20 -12.64
CA ASN A 318 16.92 -26.22 -14.12
C ASN A 318 15.65 -25.72 -14.82
N LYS A 319 14.72 -25.09 -14.11
CA LYS A 319 13.50 -24.52 -14.72
C LYS A 319 13.86 -23.30 -15.55
N GLN A 320 13.03 -23.00 -16.54
CA GLN A 320 13.13 -21.73 -17.28
C GLN A 320 12.69 -20.64 -16.29
N VAL A 321 13.51 -19.60 -16.15
CA VAL A 321 13.29 -18.42 -15.28
C VAL A 321 13.15 -17.18 -16.17
N ASP A 322 12.14 -16.35 -15.92
CA ASP A 322 11.99 -15.02 -16.55
C ASP A 322 12.41 -13.95 -15.54
N LYS A 323 13.42 -13.17 -15.92
CA LYS A 323 14.02 -12.09 -15.11
C LYS A 323 13.24 -10.80 -15.43
N TYR A 324 13.05 -9.99 -14.40
CA TYR A 324 12.42 -8.65 -14.45
C TYR A 324 13.22 -7.75 -13.53
N LEU A 325 14.40 -7.38 -14.00
CA LEU A 325 15.42 -6.62 -13.22
C LEU A 325 15.27 -5.12 -13.48
N LEU A 326 15.06 -4.36 -12.40
CA LEU A 326 14.89 -2.88 -12.42
C LEU A 326 16.21 -2.22 -12.02
N ARG A 327 16.67 -1.29 -12.87
CA ARG A 327 17.89 -0.46 -12.66
C ARG A 327 17.54 0.98 -12.99
N PRO A 328 18.19 1.97 -12.37
CA PRO A 328 17.90 3.36 -12.70
C PRO A 328 18.44 3.73 -14.09
N LEU A 329 17.75 4.61 -14.80
CA LEU A 329 18.33 5.31 -16.00
C LEU A 329 19.25 6.44 -15.51
N GLY A 330 20.47 6.53 -16.02
CA GLY A 330 21.45 7.53 -15.56
C GLY A 330 21.04 8.93 -15.98
N PRO A 331 21.77 9.99 -15.59
CA PRO A 331 23.02 9.82 -14.86
C PRO A 331 22.94 9.83 -13.33
N HIS A 332 21.74 9.96 -12.75
CA HIS A 332 21.50 10.20 -11.31
C HIS A 332 21.48 8.89 -10.51
N GLY A 333 21.80 7.74 -11.10
CA GLY A 333 21.94 6.49 -10.32
C GLY A 333 20.72 6.30 -9.43
N LEU A 334 20.92 5.99 -8.17
CA LEU A 334 19.80 5.57 -7.28
C LEU A 334 18.87 6.77 -7.10
N LEU A 335 19.33 7.98 -7.37
CA LEU A 335 18.48 9.19 -7.20
C LEU A 335 17.79 9.52 -8.52
N SER A 336 17.82 8.61 -9.50
CA SER A 336 17.09 8.81 -10.78
C SER A 336 15.56 8.72 -10.62
N LYS A 337 14.81 9.45 -11.45
CA LYS A 337 13.32 9.38 -11.53
C LYS A 337 12.89 8.55 -12.72
N SER A 338 13.81 7.83 -13.33
CA SER A 338 13.56 6.96 -14.50
C SER A 338 14.17 5.60 -14.23
N VAL A 339 13.48 4.56 -14.68
CA VAL A 339 13.90 3.17 -14.39
C VAL A 339 13.93 2.42 -15.72
N GLN A 340 14.85 1.46 -15.83
CA GLN A 340 14.89 0.49 -16.95
C GLN A 340 14.50 -0.90 -16.45
N LEU A 341 13.66 -1.61 -17.22
CA LEU A 341 13.37 -3.05 -17.04
C LEU A 341 14.22 -3.87 -18.01
N ASN A 342 15.16 -4.66 -17.49
CA ASN A 342 16.10 -5.48 -18.31
C ASN A 342 16.69 -4.60 -19.42
N GLY A 343 17.14 -3.38 -19.09
CA GLY A 343 17.90 -2.47 -19.96
C GLY A 343 17.05 -1.57 -20.86
N LEU A 344 15.72 -1.67 -20.82
CA LEU A 344 14.77 -0.84 -21.64
C LEU A 344 14.05 0.16 -20.73
N THR A 345 14.16 1.47 -20.97
CA THR A 345 13.49 2.53 -20.15
C THR A 345 11.97 2.29 -20.14
N LEU A 346 11.34 2.34 -18.96
CA LEU A 346 9.85 2.21 -18.85
C LEU A 346 9.25 3.60 -19.02
N LYS A 347 8.41 3.72 -20.05
CA LYS A 347 7.79 4.97 -20.52
C LYS A 347 6.43 4.61 -21.13
N MET A 348 5.41 5.42 -20.89
CA MET A 348 4.08 5.19 -21.48
C MET A 348 4.20 5.29 -23.01
N VAL A 349 3.50 4.42 -23.74
CA VAL A 349 3.50 4.44 -25.23
C VAL A 349 2.74 5.70 -25.69
N ASP A 350 1.66 6.05 -24.98
CA ASP A 350 0.93 7.33 -25.10
C ASP A 350 0.00 7.42 -23.89
N ASP A 351 -0.72 8.53 -23.76
CA ASP A 351 -1.60 8.85 -22.60
C ASP A 351 -2.59 7.74 -22.28
N GLN A 352 -2.87 6.81 -23.22
CA GLN A 352 -3.90 5.76 -23.05
C GLN A 352 -3.27 4.36 -22.97
N THR A 353 -1.96 4.21 -23.17
CA THR A 353 -1.29 2.87 -23.35
C THR A 353 -0.05 2.73 -22.44
N LEU A 354 -0.13 1.84 -21.44
CA LEU A 354 1.04 1.33 -20.67
C LEU A 354 1.90 0.45 -21.59
N PRO A 355 3.23 0.40 -21.42
CA PRO A 355 4.05 -0.39 -22.32
C PRO A 355 3.93 -1.86 -21.97
N PRO A 356 4.39 -2.78 -22.85
CA PRO A 356 4.57 -4.16 -22.44
C PRO A 356 5.68 -4.16 -21.37
N LEU A 357 5.65 -5.16 -20.50
CA LEU A 357 6.67 -5.36 -19.44
C LEU A 357 7.48 -6.58 -19.88
N MET A 358 8.57 -6.34 -20.59
CA MET A 358 9.27 -7.42 -21.34
C MET A 358 10.25 -8.16 -20.43
N GLU A 359 10.05 -9.48 -20.33
CA GLU A 359 10.90 -10.38 -19.52
C GLU A 359 12.21 -10.64 -20.27
N LYS A 360 13.22 -11.09 -19.54
CA LYS A 360 14.49 -11.61 -20.09
C LYS A 360 14.55 -13.08 -19.71
N PRO A 361 14.33 -13.99 -20.67
CA PRO A 361 14.56 -15.42 -20.45
C PRO A 361 16.02 -15.67 -20.09
N LEU A 362 16.26 -16.34 -18.95
CA LEU A 362 17.62 -16.80 -18.57
C LEU A 362 17.83 -18.22 -19.08
N ARG A 363 19.07 -18.62 -19.28
CA ARG A 363 19.34 -20.00 -19.75
C ARG A 363 19.10 -20.90 -18.55
N PRO A 364 18.34 -21.99 -18.70
CA PRO A 364 18.03 -22.90 -17.60
C PRO A 364 19.29 -23.43 -16.90
N GLY A 365 19.21 -23.56 -15.57
CA GLY A 365 20.31 -23.98 -14.69
C GLY A 365 21.20 -22.82 -14.27
N SER A 366 21.07 -21.62 -14.86
CA SER A 366 21.96 -20.47 -14.56
C SER A 366 21.61 -19.84 -13.21
N SER A 367 22.60 -19.25 -12.53
CA SER A 367 22.38 -18.56 -11.26
C SER A 367 21.70 -17.21 -11.59
N LEU A 368 20.87 -16.71 -10.69
CA LEU A 368 20.11 -15.45 -10.86
C LEU A 368 21.01 -14.27 -10.46
N GLY A 369 21.48 -13.49 -11.43
CA GLY A 369 22.32 -12.30 -11.21
C GLY A 369 21.54 -11.12 -10.62
N LEU A 370 21.96 -10.56 -9.49
CA LEU A 370 21.26 -9.39 -8.89
C LEU A 370 22.29 -8.30 -8.61
N PRO A 371 22.43 -7.29 -9.49
CA PRO A 371 23.46 -6.26 -9.33
C PRO A 371 23.35 -5.51 -7.99
N ALA A 372 24.44 -4.85 -7.59
CA ALA A 372 24.48 -4.01 -6.39
C ALA A 372 23.29 -3.05 -6.43
N PHE A 373 22.74 -2.70 -5.26
CA PHE A 373 21.62 -1.73 -5.09
C PHE A 373 20.60 -1.92 -6.22
N SER A 374 20.01 -3.10 -6.32
CA SER A 374 18.95 -3.37 -7.33
C SER A 374 17.86 -4.23 -6.71
N TYR A 375 16.73 -4.36 -7.40
CA TYR A 375 15.67 -5.33 -7.08
C TYR A 375 15.19 -5.94 -8.37
N SER A 376 14.75 -7.19 -8.27
CA SER A 376 14.32 -7.98 -9.45
C SER A 376 13.18 -8.91 -9.07
N PHE A 377 12.27 -9.17 -10.01
CA PHE A 377 11.36 -10.32 -9.93
C PHE A 377 11.95 -11.42 -10.79
N PHE A 378 11.66 -12.66 -10.44
CA PHE A 378 12.04 -13.87 -11.22
C PHE A 378 10.85 -14.81 -11.20
N VAL A 379 10.32 -15.14 -12.39
CA VAL A 379 9.21 -16.11 -12.49
C VAL A 379 9.81 -17.47 -12.86
N ILE A 380 9.54 -18.48 -12.03
CA ILE A 380 10.02 -19.88 -12.25
C ILE A 380 8.89 -20.62 -12.99
N ARG A 381 9.07 -20.76 -14.30
CA ARG A 381 8.07 -21.35 -15.22
C ARG A 381 8.07 -22.86 -15.08
N ASN A 382 6.89 -23.45 -15.13
CA ASN A 382 6.66 -24.91 -14.99
C ASN A 382 7.19 -25.36 -13.63
N ALA A 383 7.02 -24.54 -12.60
CA ALA A 383 7.42 -24.90 -11.21
C ALA A 383 6.57 -26.09 -10.75
N LYS A 384 5.31 -26.17 -11.17
CA LYS A 384 4.38 -27.29 -10.80
C LYS A 384 4.28 -27.42 -9.27
N VAL A 385 4.11 -26.30 -8.58
CA VAL A 385 3.92 -26.27 -7.11
C VAL A 385 2.44 -26.52 -6.85
N ALA A 386 2.10 -27.66 -6.23
CA ALA A 386 0.70 -28.05 -5.95
C ALA A 386 0.04 -26.96 -5.10
N ALA A 387 0.78 -26.37 -4.15
CA ALA A 387 0.26 -25.28 -3.28
C ALA A 387 -0.24 -24.13 -4.14
N CYS A 388 0.25 -24.01 -5.38
CA CYS A 388 -0.07 -22.85 -6.24
C CYS A 388 -1.25 -23.15 -7.16
N ILE A 389 -1.45 -24.42 -7.53
CA ILE A 389 -2.56 -24.86 -8.43
C ILE A 389 -3.86 -24.85 -7.62
N GLN B 4 33.58 -15.39 -2.96
CA GLN B 4 32.36 -15.98 -3.58
C GLN B 4 31.17 -15.07 -3.26
N ASP B 5 30.44 -14.67 -4.30
CA ASP B 5 29.18 -13.88 -4.22
C ASP B 5 28.00 -14.77 -4.66
N VAL B 6 28.16 -16.10 -4.59
CA VAL B 6 27.08 -17.11 -4.89
C VAL B 6 26.34 -17.46 -3.59
N VAL B 7 25.02 -17.50 -3.65
CA VAL B 7 24.13 -17.59 -2.46
C VAL B 7 23.03 -18.59 -2.79
N ASP B 8 22.90 -19.61 -1.94
CA ASP B 8 21.86 -20.66 -2.05
C ASP B 8 20.58 -20.13 -1.40
N LEU B 9 19.47 -20.27 -2.12
CA LEU B 9 18.11 -20.00 -1.58
C LEU B 9 17.52 -21.33 -1.05
N ASP B 10 16.75 -21.22 0.03
CA ASP B 10 15.85 -22.27 0.54
C ASP B 10 14.42 -21.75 0.38
N PHE B 11 13.55 -22.58 -0.17
CA PHE B 11 12.12 -22.27 -0.42
C PHE B 11 11.24 -23.19 0.44
N PHE B 12 10.20 -22.64 1.06
CA PHE B 12 9.04 -23.39 1.59
C PHE B 12 7.89 -23.25 0.60
N THR B 13 7.42 -24.37 0.05
CA THR B 13 6.41 -24.46 -1.04
C THR B 13 5.28 -25.44 -0.74
N GLN B 14 5.19 -26.02 0.46
N GLN B 14 5.27 -26.07 0.45
CA GLN B 14 4.24 -27.14 0.73
CA GLN B 14 4.27 -27.07 0.90
C GLN B 14 2.82 -26.60 0.95
C GLN B 14 2.86 -26.48 0.74
N GLU B 15 2.64 -25.33 1.35
CA GLU B 15 1.29 -24.71 1.36
C GLU B 15 1.42 -23.21 1.52
N PRO B 16 0.37 -22.44 1.13
CA PRO B 16 0.36 -20.99 1.34
C PRO B 16 0.50 -20.73 2.84
N LEU B 17 1.37 -19.81 3.24
CA LEU B 17 1.54 -19.40 4.65
C LEU B 17 0.53 -18.31 4.96
N HIS B 18 0.17 -17.52 3.96
CA HIS B 18 -0.93 -16.53 4.06
C HIS B 18 -1.54 -16.37 2.68
N LEU B 19 -2.73 -15.79 2.66
CA LEU B 19 -3.45 -15.36 1.44
C LEU B 19 -3.59 -13.86 1.54
N VAL B 20 -3.06 -13.10 0.59
CA VAL B 20 -3.31 -11.64 0.58
C VAL B 20 -4.51 -11.39 -0.35
N SER B 21 -5.15 -10.25 -0.18
CA SER B 21 -6.25 -9.79 -1.06
C SER B 21 -5.71 -9.72 -2.48
N PRO B 22 -6.57 -9.90 -3.51
CA PRO B 22 -6.21 -9.54 -4.88
C PRO B 22 -5.86 -8.05 -4.94
N SER B 23 -6.44 -7.24 -4.06
CA SER B 23 -6.12 -5.81 -3.88
C SER B 23 -4.98 -5.54 -2.88
N PHE B 24 -4.05 -6.49 -2.68
CA PHE B 24 -2.99 -6.37 -1.66
C PHE B 24 -2.21 -5.06 -1.84
N LEU B 25 -1.81 -4.74 -3.06
CA LEU B 25 -1.15 -3.45 -3.38
C LEU B 25 -2.23 -2.44 -3.76
N SER B 26 -2.58 -1.60 -2.78
CA SER B 26 -3.58 -0.52 -2.91
C SER B 26 -2.88 0.83 -2.79
N VAL B 27 -3.66 1.92 -2.88
CA VAL B 27 -3.12 3.31 -2.97
C VAL B 27 -4.07 4.26 -2.24
N THR B 28 -3.56 5.42 -1.89
CA THR B 28 -4.36 6.46 -1.25
C THR B 28 -4.35 7.68 -2.16
N ILE B 29 -5.30 8.57 -1.93
CA ILE B 29 -5.28 9.98 -2.37
C ILE B 29 -5.50 10.74 -1.06
N ASP B 30 -4.60 11.68 -0.75
CA ASP B 30 -4.67 12.39 0.53
C ASP B 30 -5.87 13.37 0.50
N ALA B 31 -6.62 13.43 1.59
CA ALA B 31 -7.73 14.39 1.80
C ALA B 31 -7.27 15.80 1.40
N ASN B 32 -6.02 16.15 1.70
CA ASN B 32 -5.37 17.44 1.36
C ASN B 32 -5.66 17.83 -0.11
N LEU B 33 -5.67 16.87 -1.05
CA LEU B 33 -5.80 17.14 -2.50
C LEU B 33 -7.16 17.77 -2.84
N ALA B 34 -8.20 17.50 -2.05
CA ALA B 34 -9.57 18.04 -2.26
C ALA B 34 -9.64 19.52 -1.87
N THR B 35 -8.56 20.10 -1.35
CA THR B 35 -8.48 21.57 -1.09
C THR B 35 -7.74 22.26 -2.25
N ASP B 36 -7.11 21.51 -3.15
CA ASP B 36 -6.45 22.05 -4.35
C ASP B 36 -7.56 22.57 -5.27
N PRO B 37 -7.51 23.87 -5.67
CA PRO B 37 -8.51 24.43 -6.58
C PRO B 37 -8.67 23.61 -7.87
N ARG B 38 -7.63 22.90 -8.31
CA ARG B 38 -7.61 22.16 -9.61
C ARG B 38 -7.94 20.67 -9.43
N PHE B 39 -8.65 20.30 -8.35
CA PHE B 39 -9.02 18.89 -8.01
C PHE B 39 -9.69 18.21 -9.22
N LEU B 40 -10.69 18.90 -9.80
CA LEU B 40 -11.47 18.36 -10.94
C LEU B 40 -10.56 18.13 -12.15
N ILE B 41 -9.75 19.11 -12.53
CA ILE B 41 -8.80 18.96 -13.68
C ILE B 41 -7.87 17.76 -13.42
N LEU B 42 -7.29 17.69 -12.22
CA LEU B 42 -6.25 16.69 -11.85
C LEU B 42 -6.79 15.26 -11.96
N LEU B 43 -7.89 14.94 -11.27
CA LEU B 43 -8.49 13.58 -11.28
C LEU B 43 -9.26 13.30 -12.58
N GLY B 44 -9.50 14.33 -13.40
CA GLY B 44 -10.10 14.18 -14.73
C GLY B 44 -9.08 13.67 -15.75
N SER B 45 -7.78 13.91 -15.52
CA SER B 45 -6.70 13.54 -16.45
C SER B 45 -6.92 12.11 -16.91
N PRO B 46 -7.17 11.84 -18.20
CA PRO B 46 -7.24 10.47 -18.71
C PRO B 46 -5.88 9.75 -18.67
N LYS B 47 -4.77 10.49 -18.74
CA LYS B 47 -3.40 9.93 -18.53
C LYS B 47 -3.36 9.28 -17.13
N LEU B 48 -3.88 10.00 -16.13
CA LEU B 48 -3.79 9.58 -14.71
C LEU B 48 -4.68 8.35 -14.53
N ARG B 49 -5.83 8.32 -15.20
CA ARG B 49 -6.77 7.20 -15.10
C ARG B 49 -6.16 5.96 -15.76
N THR B 50 -5.40 6.14 -16.84
CA THR B 50 -4.66 5.03 -17.51
C THR B 50 -3.69 4.43 -16.48
N LEU B 51 -2.92 5.29 -15.82
CA LEU B 51 -1.93 4.85 -14.82
C LEU B 51 -2.66 4.13 -13.67
N ALA B 52 -3.75 4.71 -13.16
CA ALA B 52 -4.56 4.12 -12.06
C ALA B 52 -5.07 2.72 -12.43
N ARG B 53 -5.61 2.57 -13.64
CA ARG B 53 -6.20 1.30 -14.15
C ARG B 53 -5.14 0.19 -14.18
N GLY B 54 -3.86 0.52 -14.40
CA GLY B 54 -2.77 -0.49 -14.38
C GLY B 54 -2.65 -1.18 -13.01
N LEU B 55 -3.10 -0.54 -11.93
CA LEU B 55 -2.97 -1.10 -10.55
C LEU B 55 -4.28 -1.76 -10.10
N SER B 56 -5.30 -1.77 -10.96
CA SER B 56 -6.54 -2.54 -10.77
C SER B 56 -6.22 -4.04 -10.73
N PRO B 57 -6.81 -4.85 -9.83
CA PRO B 57 -7.75 -4.38 -8.81
C PRO B 57 -7.03 -3.82 -7.58
N ALA B 58 -7.62 -2.80 -6.98
CA ALA B 58 -7.06 -2.13 -5.79
C ALA B 58 -8.12 -1.27 -5.14
N TYR B 59 -7.95 -1.05 -3.84
CA TYR B 59 -8.61 0.03 -3.07
C TYR B 59 -7.92 1.36 -3.36
N LEU B 60 -8.73 2.42 -3.34
CA LEU B 60 -8.28 3.80 -3.37
C LEU B 60 -8.83 4.40 -2.09
N ARG B 61 -7.96 4.65 -1.11
CA ARG B 61 -8.37 5.19 0.20
C ARG B 61 -8.25 6.72 0.11
N PHE B 62 -9.34 7.42 0.35
CA PHE B 62 -9.34 8.89 0.43
C PHE B 62 -9.35 9.29 1.91
N GLY B 63 -8.24 9.82 2.41
CA GLY B 63 -8.04 10.08 3.85
C GLY B 63 -6.69 10.68 4.12
N GLY B 64 -6.39 10.99 5.38
CA GLY B 64 -5.18 11.75 5.76
C GLY B 64 -5.54 12.70 6.89
N THR B 65 -4.59 13.47 7.39
CA THR B 65 -4.83 14.45 8.48
C THR B 65 -6.11 15.24 8.19
N LYS B 66 -6.32 15.69 6.96
CA LYS B 66 -7.43 16.63 6.62
C LYS B 66 -8.80 15.92 6.75
N THR B 67 -8.81 14.58 6.81
CA THR B 67 -10.03 13.77 7.00
C THR B 67 -10.91 14.40 8.09
N ASP B 68 -10.25 14.83 9.18
CA ASP B 68 -10.91 15.28 10.43
C ASP B 68 -11.09 16.81 10.41
N PHE B 69 -10.82 17.45 9.26
CA PHE B 69 -10.97 18.91 9.02
C PHE B 69 -11.73 19.18 7.72
N LEU B 70 -12.47 18.18 7.25
CA LEU B 70 -13.25 18.31 6.00
C LEU B 70 -14.73 18.13 6.34
N ILE B 71 -15.56 19.06 5.90
CA ILE B 71 -17.04 19.07 6.17
C ILE B 71 -17.76 19.02 4.81
N PHE B 72 -18.68 18.07 4.64
CA PHE B 72 -19.54 17.99 3.44
C PHE B 72 -20.47 19.21 3.48
N ASP B 73 -20.53 19.95 2.38
CA ASP B 73 -21.47 21.10 2.18
C ASP B 73 -22.28 20.83 0.93
N PRO B 74 -23.56 20.39 1.08
CA PRO B 74 -24.48 20.21 -0.05
C PRO B 74 -24.80 21.45 -0.92
N LYS B 75 -24.46 22.69 -0.49
CA LYS B 75 -24.77 23.96 -1.21
C LYS B 75 -23.63 24.33 -2.17
N LYS B 76 -22.38 24.10 -1.78
CA LYS B 76 -21.17 24.55 -2.52
C LYS B 76 -21.19 24.01 -3.96
N GLU B 77 -20.51 24.71 -4.88
CA GLU B 77 -20.46 24.42 -6.35
C GLU B 77 -19.18 23.66 -6.70
C1 BDP C . 0.22 11.36 7.85
C2 BDP C . -1.07 12.00 7.36
C3 BDP C . -0.99 12.50 5.93
C4 BDP C . 0.29 13.32 5.67
C5 BDP C . 1.44 12.40 6.07
C6 BDP C . 2.77 13.01 5.85
O2 BDP C . -2.09 11.01 7.48
O3 BDP C . -2.12 13.29 5.67
O4 BDP C . 0.45 13.79 4.31
O5 BDP C . 1.34 12.11 7.46
O6A BDP C . 3.34 13.68 6.72
O1 BDP C . 0.29 11.34 9.28
O6B BDP C . 3.32 12.80 4.78
H1 BDP C . 0.30 10.35 7.46
H2 BDP C . -1.30 12.85 8.02
H3 BDP C . -0.99 11.63 5.26
H4 BDP C . 0.28 14.15 6.38
H5 BDP C . 1.37 11.47 5.49
HO2 BDP C . -2.06 10.71 8.36
HO3 BDP C . -2.87 12.77 5.88
HO1 BDP C . -0.36 10.79 9.57
C1 SGN C . -0.24 15.02 3.99
C2 SGN C . 0.32 15.51 2.65
C3 SGN C . 1.76 15.96 2.83
C4 SGN C . 1.90 16.92 4.00
C5 SGN C . 1.32 16.28 5.25
C6 SGN C . 1.38 17.15 6.46
N2 SGN C . 0.19 14.38 1.71
O3 SGN C . 2.22 16.61 1.66
O4 SGN C . 3.27 17.27 4.21
O5 SGN C . -0.07 15.97 5.05
O6 SGN C . 0.83 18.40 6.08
S1 SGN C . -0.07 14.73 0.15
O1S SGN C . -1.29 15.63 0.16
O2S SGN C . -0.17 13.51 -0.69
O3S SGN C . 1.07 15.49 -0.36
S2 SGN C . 0.75 19.49 7.14
O4S SGN C . 0.02 18.95 8.31
O5S SGN C . 0.10 20.68 6.55
O6S SGN C . 2.12 19.87 7.60
H1 SGN C . -1.30 14.82 3.85
H2 SGN C . -0.29 16.37 2.32
H3 SGN C . 2.39 15.08 3.03
H4 SGN C . 1.31 17.81 3.76
H5 SGN C . 1.90 15.38 5.45
H61 SGN C . 2.42 17.28 6.79
H62 SGN C . 0.82 16.71 7.28
HN21 SGN C . 1.00 13.74 1.80
HO3 SGN C . 2.18 15.99 0.94
C1 BDP C . 3.48 18.69 4.15
C2 BDP C . 4.89 18.96 4.62
C3 BDP C . 5.33 20.41 4.40
C4 BDP C . 4.95 20.99 3.04
C5 BDP C . 3.50 20.61 2.73
C6 BDP C . 3.11 21.16 1.37
O2 BDP C . 4.93 18.60 6.00
O3 BDP C . 6.76 20.44 4.41
O4 BDP C . 5.04 22.42 3.00
O5 BDP C . 3.37 19.17 2.83
O6A BDP C . 2.73 22.35 1.29
O6B BDP C . 3.17 20.43 0.35
H1 BDP C . 2.78 19.21 4.82
H2 BDP C . 5.57 18.31 4.06
H3 BDP C . 4.93 21.05 5.19
H4 BDP C . 5.59 20.55 2.27
H5 BDP C . 2.85 21.08 3.49
HO2 BDP C . 4.45 17.82 6.19
HO3 BDP C . 7.05 20.04 5.23
C1 GNS C . 6.28 23.12 2.72
C2 GNS C . 6.19 24.49 3.41
N2 GNS C . 5.88 24.34 4.85
S1 GNS C . 7.17 23.82 5.69
O1S GNS C . 8.36 23.66 4.81
O2S GNS C . 6.85 22.50 6.27
O3S GNS C . 7.49 24.78 6.78
C3 GNS C . 5.14 25.34 2.70
O3 GNS C . 4.76 26.53 3.42
C4 GNS C . 5.72 25.65 1.33
C5 GNS C . 5.81 24.31 0.60
O5 GNS C . 6.55 23.32 1.32
C6 GNS C . 6.46 24.53 -0.75
O6 GNS C . 6.90 23.25 -1.18
O4 GNS C . 4.93 26.55 0.55
H1 GNS C . 7.11 22.56 3.15
H2 GNS C . 7.17 25.00 3.30
HN21 GNS C . 5.57 25.25 5.23
H3 GNS C . 4.24 24.74 2.56
HO3 GNS C . 4.20 27.02 3.07
H4 GNS C . 6.73 26.06 1.44
H5 GNS C . 4.78 23.96 0.42
H61 GNS C . 7.32 25.20 -0.66
H62 GNS C . 5.75 24.95 -1.46
HO6 GNS C . 7.16 23.06 -1.81
HO4 GNS C . 5.28 26.49 -0.09
C1 NAG D . -24.60 18.13 15.28
C2 NAG D . -25.35 18.85 16.42
C3 NAG D . -26.43 19.80 15.85
C4 NAG D . -25.81 20.69 14.77
C5 NAG D . -25.26 19.76 13.66
C6 NAG D . -24.78 20.45 12.38
C7 NAG D . -25.61 17.65 18.63
C8 NAG D . -26.39 16.55 19.29
N2 NAG D . -25.94 17.86 17.33
O3 NAG D . -27.04 20.63 16.86
O4 NAG D . -26.77 21.65 14.30
O5 NAG D . -24.18 19.01 14.22
O6 NAG D . -23.55 21.19 12.54
O7 NAG D . -24.76 18.29 19.25
H1 NAG D . -25.30 17.40 14.85
H2 NAG D . -24.63 19.46 16.98
H3 NAG D . -27.20 19.19 15.38
H4 NAG D . -24.95 21.22 15.20
H5 NAG D . -26.07 19.07 13.37
H61 NAG D . -25.56 21.14 12.04
H62 NAG D . -24.65 19.70 11.59
H81 NAG D . -26.18 15.63 18.81
H82 NAG D . -26.11 16.49 20.31
H83 NAG D . -27.42 16.77 19.22
HN2 NAG D . -26.66 17.26 16.93
HO3 NAG D . -27.80 20.99 16.31
HO4 NAG D . -26.41 22.03 13.49
HO6 NAG D . -23.25 21.63 11.84
C1 NAG E . -13.60 7.77 27.51
C2 NAG E . -13.75 7.50 29.02
C3 NAG E . -15.15 7.78 29.57
C4 NAG E . -15.68 9.15 29.12
C5 NAG E . -15.57 9.22 27.58
C6 NAG E . -16.09 10.53 26.99
C7 NAG E . -12.29 5.70 29.92
C8 NAG E . -12.20 4.19 30.03
N2 NAG E . -13.38 6.11 29.24
O3 NAG E . -15.13 7.69 31.00
O4 NAG E . -17.03 9.40 29.59
O5 NAG E . -14.19 9.03 27.19
O6 NAG E . -15.22 11.63 27.27
O7 NAG E . -11.46 6.47 30.40
H1 NAG E . -14.17 6.98 26.99
H2 NAG E . -13.04 8.16 29.54
H3 NAG E . -15.83 7.01 29.17
H4 NAG E . -15.01 9.91 29.54
H5 NAG E . -16.17 8.40 27.17
H61 NAG E . -17.09 10.75 27.39
H62 NAG E . -16.19 10.42 25.91
H81 NAG E . -12.09 3.77 29.07
H82 NAG E . -11.36 3.93 30.63
H83 NAG E . -13.08 3.81 30.49
HN2 NAG E . -14.01 5.41 28.88
HO3 NAG E . -15.93 7.80 31.32
HO4 NAG E . -17.25 10.14 29.17
HO6 NAG E . -15.56 12.25 26.96
C1 NAG F . 31.94 -1.76 -0.66
C2 NAG F . 33.15 -1.21 -1.46
C3 NAG F . 34.47 -1.42 -0.70
C4 NAG F . 34.31 -0.74 0.67
C5 NAG F . 33.25 -1.57 1.40
C6 NAG F . 33.13 -1.32 2.91
C7 NAG F . 32.75 -1.31 -3.90
C8 NAG F . 32.79 -2.23 -5.10
N2 NAG F . 33.22 -1.85 -2.77
O3 NAG F . 35.66 -0.99 -1.41
O4 NAG F . 35.57 -0.62 1.37
O5 NAG F . 31.99 -1.35 0.72
O6 NAG F . 33.22 0.07 3.21
O7 NAG F . 32.28 -0.17 -3.99
H1 NAG F . 32.03 -2.86 -0.69
H2 NAG F . 33.00 -0.12 -1.59
H3 NAG F . 34.58 -2.50 -0.52
H4 NAG F . 33.90 0.26 0.50
H5 NAG F . 33.51 -2.63 1.29
H61 NAG F . 33.92 -1.86 3.42
H62 NAG F . 32.17 -1.70 3.26
H81 NAG F . 32.05 -2.99 -4.98
H82 NAG F . 32.59 -1.68 -5.98
H83 NAG F . 33.75 -2.69 -5.16
HN2 NAG F . 33.59 -2.79 -2.79
HO3 NAG F . 36.35 -1.19 -1.03
HO4 NAG F . 35.49 -0.32 1.98
HO6 NAG F . 33.26 0.33 3.86
CL CL G . -3.32 -14.40 -7.94
#